data_4AX9
#
_entry.id   4AX9
#
_cell.length_a   71.400
_cell.length_b   72.040
_cell.length_c   72.700
_cell.angle_alpha   90.00
_cell.angle_beta   100.80
_cell.angle_gamma   90.00
#
_symmetry.space_group_name_H-M   'C 1 2 1'
#
loop_
_entity.id
_entity.type
_entity.pdbx_description
1 polymer PROTHROMBIN
2 polymer 'HIRUDIN VARIANT-1'
3 polymer PROTHROMBIN
4 non-polymer 'SODIUM ION'
5 non-polymer '2-[[(2S)-4-[[(3S)-1-carbamimidoylpiperidin-3-yl]methylamino]-2-(naphthalen-2-ylsulfonylamino)-4-oxidanylidene-butanoyl] -cyclopropyl-amino]ethanoic acid'
6 non-polymer 2-acetamido-2-deoxy-beta-D-glucopyranose
7 water water
#
loop_
_entity_poly.entity_id
_entity_poly.type
_entity_poly.pdbx_seq_one_letter_code
_entity_poly.pdbx_strand_id
1 'polypeptide(L)'
;IVEGSDAEIGMSPWQVMLFRKSPQELLCGASLISDRWVLTAAHCLLYPPWDKNFTENDLLVRIGKHSRTRYERNIEKISM
LEKIYIHPRYNWRENLDRDIALMKLKKPVAFSDYIHPVCLPDRETAASLLQAGYKGRVTGWGNLKETWTANVGKGQPSVL
QVVNLPIVERPVCKDSTRIRITDNMFCAGYKPDEGKRGDACEGDSGGPFVMKSPFNNRWYQMGIVSWGEGCDRDGKYGFY
THVFRLKKWIQKVIDQF
;
H
2 'polypeptide(L)' DFEEIPEEYLQ I
3 'polypeptide(L)' ADCGLRPLFEKKSLEDKTERELLESYID L
#
# COMPACT_ATOMS: atom_id res chain seq x y z
N ILE A 1 8.95 -1.61 6.87
CA ILE A 1 9.30 -2.86 6.13
C ILE A 1 10.49 -3.51 6.82
N VAL A 2 10.39 -4.80 7.11
CA VAL A 2 11.47 -5.53 7.75
C VAL A 2 12.20 -6.34 6.68
N GLU A 3 13.53 -6.27 6.69
CA GLU A 3 14.37 -7.01 5.74
C GLU A 3 14.09 -6.61 4.28
N GLY A 4 13.81 -5.33 4.05
CA GLY A 4 13.67 -4.84 2.68
C GLY A 4 14.95 -4.12 2.25
N SER A 5 14.86 -3.31 1.21
CA SER A 5 16.00 -2.50 0.77
C SER A 5 15.49 -1.13 0.39
N ASP A 6 16.40 -0.17 0.20
CA ASP A 6 15.98 1.18 -0.19
C ASP A 6 15.36 1.10 -1.58
N ALA A 7 14.27 1.82 -1.76
CA ALA A 7 13.64 1.92 -3.06
C ALA A 7 14.50 2.74 -4.01
N GLU A 8 14.40 2.51 -5.31
CA GLU A 8 14.98 3.43 -6.28
C GLU A 8 14.08 4.64 -6.45
N ILE A 9 14.67 5.75 -6.88
CA ILE A 9 13.90 6.96 -7.16
C ILE A 9 12.84 6.62 -8.23
N GLY A 10 11.58 6.97 -7.96
CA GLY A 10 10.48 6.79 -8.93
C GLY A 10 10.04 5.34 -9.08
N MET A 11 10.50 4.47 -8.19
CA MET A 11 10.20 3.03 -8.30
C MET A 11 8.72 2.73 -7.98
N SER A 12 8.10 3.58 -7.16
CA SER A 12 6.75 3.34 -6.66
C SER A 12 6.03 4.70 -6.63
N PRO A 13 5.76 5.26 -7.83
CA PRO A 13 5.28 6.63 -7.92
C PRO A 13 3.80 6.78 -7.50
N TRP A 14 3.12 5.66 -7.23
CA TRP A 14 1.77 5.68 -6.64
C TRP A 14 1.79 5.65 -5.09
N GLN A 15 2.98 5.57 -4.48
CA GLN A 15 3.07 5.49 -3.03
C GLN A 15 2.64 6.83 -2.42
N VAL A 16 1.83 6.73 -1.38
CA VAL A 16 1.27 7.91 -0.74
C VAL A 16 1.55 7.79 0.74
N MET A 17 1.90 8.90 1.37
CA MET A 17 2.11 8.87 2.82
C MET A 17 0.89 9.56 3.47
N LEU A 18 0.25 8.88 4.43
N LEU A 18 0.29 8.89 4.45
CA LEU A 18 -0.78 9.50 5.28
CA LEU A 18 -0.77 9.47 5.29
C LEU A 18 -0.10 10.11 6.49
C LEU A 18 -0.12 10.10 6.51
N PHE A 19 -0.30 11.41 6.65
CA PHE A 19 0.49 12.19 7.58
C PHE A 19 -0.48 12.98 8.46
N ARG A 20 -0.35 12.80 9.77
CA ARG A 20 -1.19 13.47 10.76
C ARG A 20 -0.75 14.93 10.87
N LYS A 21 -1.73 15.85 10.95
CA LYS A 21 -1.43 17.28 11.06
C LYS A 21 -0.81 17.63 12.41
N SER A 22 -1.44 17.22 13.51
CA SER A 22 -0.93 17.56 14.84
C SER A 22 -1.22 16.46 15.86
N PRO A 23 -0.16 15.89 16.48
CA PRO A 23 1.25 16.10 16.17
C PRO A 23 1.60 15.59 14.77
N GLN A 24 2.69 16.10 14.23
CA GLN A 24 3.15 15.67 12.91
C GLN A 24 3.71 14.27 13.01
N GLU A 25 2.99 13.31 12.42
CA GLU A 25 3.47 11.94 12.38
C GLU A 25 2.96 11.14 11.18
N LEU A 26 3.74 10.13 10.82
CA LEU A 26 3.37 9.18 9.77
C LEU A 26 2.26 8.32 10.35
N LEU A 27 1.11 8.29 9.67
CA LEU A 27 0.01 7.46 10.12
C LEU A 27 0.00 6.10 9.42
N CYS A 28 0.27 6.08 8.11
CA CYS A 28 0.01 4.88 7.30
C CYS A 28 0.49 5.14 5.87
N GLY A 29 0.63 4.07 5.09
CA GLY A 29 0.77 4.19 3.63
C GLY A 29 -0.62 4.27 2.99
N ALA A 30 -0.61 4.48 1.69
CA ALA A 30 -1.81 4.62 0.89
C ALA A 30 -1.31 4.56 -0.56
N SER A 31 -2.22 4.61 -1.54
CA SER A 31 -1.81 4.60 -2.94
C SER A 31 -2.65 5.51 -3.79
N LEU A 32 -2.04 5.99 -4.88
CA LEU A 32 -2.70 6.91 -5.77
C LEU A 32 -3.29 6.10 -6.90
N ILE A 33 -4.62 6.13 -7.05
CA ILE A 33 -5.27 5.38 -8.13
C ILE A 33 -5.83 6.25 -9.29
N SER A 34 -5.85 7.58 -9.12
CA SER A 34 -6.19 8.50 -10.23
C SER A 34 -5.72 9.86 -9.78
N ASP A 35 -6.04 10.92 -10.53
CA ASP A 35 -5.59 12.25 -10.14
C ASP A 35 -6.25 12.81 -8.87
N ARG A 36 -7.35 12.21 -8.42
CA ARG A 36 -7.95 12.70 -7.19
C ARG A 36 -8.45 11.64 -6.18
N TRP A 37 -8.08 10.36 -6.36
CA TRP A 37 -8.49 9.30 -5.43
C TRP A 37 -7.30 8.53 -4.86
N VAL A 38 -7.35 8.28 -3.56
CA VAL A 38 -6.29 7.62 -2.84
C VAL A 38 -6.93 6.44 -2.14
N LEU A 39 -6.28 5.28 -2.23
CA LEU A 39 -6.78 4.07 -1.60
C LEU A 39 -5.93 3.74 -0.36
N THR A 40 -6.58 3.30 0.72
CA THR A 40 -5.87 2.93 1.94
C THR A 40 -6.67 1.89 2.76
N ALA A 41 -6.18 1.54 3.93
CA ALA A 41 -6.86 0.60 4.82
C ALA A 41 -7.82 1.39 5.70
N ALA A 42 -9.02 0.86 5.91
CA ALA A 42 -10.01 1.53 6.78
C ALA A 42 -9.46 1.70 8.21
N HIS A 43 -8.68 0.74 8.68
CA HIS A 43 -8.21 0.77 10.06
C HIS A 43 -7.17 1.87 10.31
N CYS A 44 -6.62 2.45 9.23
CA CYS A 44 -5.74 3.60 9.30
C CYS A 44 -6.51 4.81 9.75
N LEU A 45 -7.82 4.83 9.48
CA LEU A 45 -8.68 5.97 9.78
C LEU A 45 -9.60 5.71 10.99
N LEU A 46 -10.11 4.49 11.10
CA LEU A 46 -11.16 4.18 12.07
C LEU A 46 -10.83 2.89 12.76
N TYR A 47 -10.53 3.00 14.06
CA TYR A 47 -10.28 1.81 14.84
C TYR A 47 -10.66 2.07 16.32
N PRO A 48 -11.97 1.97 16.64
CA PRO A 48 -12.44 2.28 18.00
C PRO A 48 -11.74 1.62 19.19
N PRO A 49 -11.21 0.40 19.10
CA PRO A 49 -10.49 -0.15 20.26
C PRO A 49 -9.27 0.65 20.71
N TRP A 50 -8.66 1.40 19.79
CA TRP A 50 -7.56 2.32 20.13
C TRP A 50 -8.00 3.77 20.12
N ASP A 51 -9.29 4.01 20.24
CA ASP A 51 -9.87 5.36 20.13
C ASP A 51 -9.40 6.11 18.89
N LYS A 52 -9.24 5.41 17.78
CA LYS A 52 -8.83 6.08 16.54
C LYS A 52 -10.06 6.34 15.69
N ASN A 53 -10.27 7.60 15.31
CA ASN A 53 -11.38 7.96 14.44
C ASN A 53 -11.04 9.28 13.75
N PHE A 54 -10.24 9.21 12.68
CA PHE A 54 -9.76 10.42 12.02
C PHE A 54 -10.79 10.98 11.05
N THR A 55 -10.89 12.31 10.97
CA THR A 55 -11.75 12.95 9.96
C THR A 55 -10.89 13.60 8.88
N GLU A 56 -11.52 14.08 7.81
CA GLU A 56 -10.81 14.73 6.69
C GLU A 56 -9.81 15.78 7.14
N ASN A 57 -10.17 16.56 8.15
CA ASN A 57 -9.33 17.68 8.60
C ASN A 57 -8.15 17.31 9.50
N ASP A 58 -8.09 16.06 9.96
CA ASP A 58 -6.97 15.61 10.79
C ASP A 58 -5.71 15.25 10.00
N LEU A 59 -5.85 15.09 8.68
CA LEU A 59 -4.84 14.41 7.87
C LEU A 59 -4.44 15.16 6.61
N LEU A 60 -3.22 14.87 6.14
CA LEU A 60 -2.75 15.30 4.83
C LEU A 60 -2.27 14.07 4.05
N VAL A 61 -2.34 14.09 2.72
CA VAL A 61 -1.59 13.07 1.95
C VAL A 61 -0.35 13.70 1.30
N ARG A 62 0.78 12.98 1.32
CA ARG A 62 2.02 13.47 0.74
C ARG A 62 2.39 12.48 -0.37
N ILE A 63 2.52 12.99 -1.58
CA ILE A 63 2.63 12.17 -2.79
C ILE A 63 3.96 12.49 -3.49
N GLY A 64 4.61 11.48 -4.08
CA GLY A 64 5.89 11.71 -4.79
C GLY A 64 7.10 11.68 -3.88
N LYS A 65 6.93 11.17 -2.66
CA LYS A 65 8.04 11.19 -1.68
C LYS A 65 9.02 10.02 -1.81
N HIS A 66 10.21 10.23 -1.25
CA HIS A 66 11.23 9.20 -1.16
C HIS A 66 11.79 9.19 0.26
N SER A 67 12.31 10.33 0.69
CA SER A 67 12.80 10.47 2.05
C SER A 67 11.58 10.39 3.00
N ARG A 68 11.72 9.69 4.12
CA ARG A 68 10.65 9.61 5.14
C ARG A 68 10.34 10.96 5.77
N THR A 69 11.39 11.66 6.23
CA THR A 69 11.18 12.84 7.09
C THR A 69 11.38 14.21 6.45
N ARG A 70 12.10 14.26 5.32
CA ARG A 70 12.41 15.54 4.70
C ARG A 70 11.19 16.09 3.99
N TYR A 71 11.06 17.42 3.94
CA TYR A 71 10.13 18.06 3.03
C TYR A 71 10.81 18.19 1.65
N GLU A 72 10.32 17.41 0.69
CA GLU A 72 11.02 17.20 -0.58
C GLU A 72 10.57 18.26 -1.57
N ARG A 73 11.13 19.45 -1.35
CA ARG A 73 10.71 20.67 -2.04
C ARG A 73 10.86 20.47 -3.55
N ASN A 74 9.85 20.92 -4.31
CA ASN A 74 9.83 20.81 -5.77
C ASN A 74 9.60 19.39 -6.28
N ILE A 75 9.41 18.45 -5.37
CA ILE A 75 9.22 17.04 -5.75
C ILE A 75 7.89 16.51 -5.21
N GLU A 76 7.75 16.46 -3.88
CA GLU A 76 6.46 16.01 -3.32
C GLU A 76 5.31 17.02 -3.49
N LYS A 77 4.08 16.51 -3.49
CA LYS A 77 2.90 17.36 -3.47
C LYS A 77 2.12 16.95 -2.22
N ILE A 78 1.68 17.94 -1.46
CA ILE A 78 0.87 17.69 -0.27
C ILE A 78 -0.58 18.05 -0.62
N SER A 79 -1.52 17.17 -0.33
CA SER A 79 -2.93 17.45 -0.63
C SER A 79 -3.80 17.33 0.61
N MET A 80 -4.87 18.12 0.61
CA MET A 80 -5.89 18.03 1.63
C MET A 80 -6.98 17.12 1.12
N LEU A 81 -7.74 16.55 2.06
CA LEU A 81 -8.82 15.62 1.72
C LEU A 81 -10.13 16.36 1.70
N GLU A 82 -10.96 16.04 0.71
CA GLU A 82 -12.32 16.50 0.66
C GLU A 82 -13.24 15.58 1.44
N LYS A 83 -13.12 14.26 1.25
CA LYS A 83 -14.02 13.30 1.88
C LYS A 83 -13.34 11.95 2.01
N ILE A 84 -13.61 11.27 3.12
CA ILE A 84 -13.19 9.89 3.37
C ILE A 84 -14.40 8.96 3.24
N TYR A 85 -14.23 7.82 2.56
CA TYR A 85 -15.29 6.82 2.45
C TYR A 85 -14.75 5.52 2.97
N ILE A 86 -15.39 4.98 3.99
CA ILE A 86 -14.98 3.72 4.60
C ILE A 86 -16.00 2.67 4.19
N HIS A 87 -15.55 1.45 3.91
CA HIS A 87 -16.49 0.43 3.51
C HIS A 87 -17.58 0.24 4.58
N PRO A 88 -18.88 0.25 4.18
CA PRO A 88 -19.97 0.17 5.17
C PRO A 88 -19.93 -1.11 6.02
N ARG A 89 -19.30 -2.17 5.51
CA ARG A 89 -19.23 -3.43 6.24
C ARG A 89 -17.81 -3.79 6.70
N TYR A 90 -16.94 -2.77 6.78
CA TYR A 90 -15.66 -2.89 7.48
C TYR A 90 -15.88 -3.46 8.90
N ASN A 91 -15.24 -4.57 9.20
CA ASN A 91 -15.48 -5.28 10.48
C ASN A 91 -14.29 -5.11 11.42
N TRP A 92 -14.28 -4.01 12.13
CA TRP A 92 -13.21 -3.74 13.09
C TRP A 92 -13.37 -4.49 14.42
N ARG A 93 -14.55 -5.05 14.67
CA ARG A 93 -14.79 -5.76 15.95
C ARG A 93 -14.14 -7.11 16.01
N GLU A 94 -14.10 -7.81 14.88
CA GLU A 94 -13.68 -9.19 14.88
C GLU A 94 -12.36 -9.46 14.15
N ASN A 95 -12.28 -9.13 12.85
CA ASN A 95 -11.13 -9.62 12.07
C ASN A 95 -10.57 -8.67 11.00
N LEU A 96 -11.01 -7.41 11.00
CA LEU A 96 -10.62 -6.40 10.00
C LEU A 96 -11.04 -6.78 8.58
N ASP A 97 -12.14 -7.51 8.49
CA ASP A 97 -12.71 -7.85 7.20
C ASP A 97 -13.13 -6.57 6.45
N ARG A 98 -12.87 -6.55 5.15
CA ARG A 98 -13.13 -5.40 4.27
C ARG A 98 -12.42 -4.16 4.76
N ASP A 99 -11.12 -4.31 5.01
CA ASP A 99 -10.29 -3.23 5.53
C ASP A 99 -9.86 -2.34 4.35
N ILE A 100 -10.76 -1.47 3.95
CA ILE A 100 -10.56 -0.60 2.78
C ILE A 100 -11.27 0.75 2.98
N ALA A 101 -10.63 1.82 2.53
CA ALA A 101 -11.22 3.16 2.55
C ALA A 101 -10.74 3.87 1.31
N LEU A 102 -11.57 4.77 0.76
CA LEU A 102 -11.16 5.72 -0.27
C LEU A 102 -11.08 7.14 0.27
N MET A 103 -10.16 7.93 -0.26
CA MET A 103 -10.04 9.34 0.13
C MET A 103 -10.04 10.18 -1.14
N LYS A 104 -10.95 11.16 -1.19
CA LYS A 104 -11.05 12.04 -2.34
C LYS A 104 -10.27 13.30 -2.02
N LEU A 105 -9.35 13.65 -2.92
CA LEU A 105 -8.51 14.83 -2.74
C LEU A 105 -9.28 16.11 -3.02
N LYS A 106 -8.96 17.18 -2.31
CA LYS A 106 -9.63 18.45 -2.56
C LYS A 106 -9.44 18.96 -4.00
N LYS A 107 -8.22 18.83 -4.52
CA LYS A 107 -7.93 19.14 -5.94
C LYS A 107 -7.11 18.02 -6.57
N PRO A 108 -7.26 17.80 -7.88
CA PRO A 108 -6.45 16.84 -8.62
C PRO A 108 -4.96 17.11 -8.47
N VAL A 109 -4.14 16.07 -8.37
CA VAL A 109 -2.70 16.24 -8.30
C VAL A 109 -2.18 16.13 -9.74
N ALA A 110 -1.14 16.89 -10.07
CA ALA A 110 -0.53 16.76 -11.40
C ALA A 110 0.46 15.59 -11.37
N PHE A 111 0.49 14.79 -12.43
CA PHE A 111 1.45 13.69 -12.51
C PHE A 111 2.83 14.20 -12.90
N SER A 112 3.86 13.42 -12.61
CA SER A 112 5.24 13.86 -12.82
C SER A 112 6.04 12.59 -12.93
N ASP A 113 7.37 12.70 -13.02
CA ASP A 113 8.23 11.52 -12.97
C ASP A 113 8.10 10.74 -11.67
N TYR A 114 7.66 11.42 -10.60
CA TYR A 114 7.61 10.84 -9.24
C TYR A 114 6.21 10.50 -8.72
N ILE A 115 5.19 10.88 -9.49
CA ILE A 115 3.78 10.80 -9.11
C ILE A 115 3.00 10.25 -10.29
N HIS A 116 2.48 9.03 -10.13
CA HIS A 116 1.78 8.36 -11.23
C HIS A 116 0.87 7.25 -10.65
N PRO A 117 -0.36 7.10 -11.16
CA PRO A 117 -1.27 6.17 -10.51
C PRO A 117 -1.00 4.73 -10.88
N VAL A 118 -1.34 3.83 -9.94
CA VAL A 118 -1.21 2.39 -10.16
C VAL A 118 -2.55 1.93 -10.77
N CYS A 119 -2.58 0.80 -11.50
CA CYS A 119 -3.84 0.27 -12.00
C CYS A 119 -4.59 -0.58 -10.95
N LEU A 120 -5.92 -0.61 -11.06
CA LEU A 120 -6.70 -1.57 -10.28
C LEU A 120 -6.95 -2.78 -11.14
N PRO A 121 -6.92 -3.98 -10.55
CA PRO A 121 -7.06 -5.20 -11.35
C PRO A 121 -8.51 -5.41 -11.84
N ASP A 122 -8.66 -6.05 -13.00
CA ASP A 122 -9.95 -6.55 -13.43
C ASP A 122 -9.96 -8.04 -13.12
N ARG A 123 -11.09 -8.72 -13.35
CA ARG A 123 -11.23 -10.12 -12.96
C ARG A 123 -10.11 -10.97 -13.50
N GLU A 124 -9.77 -10.76 -14.77
CA GLU A 124 -8.80 -11.60 -15.49
C GLU A 124 -7.40 -11.44 -14.90
N THR A 125 -7.00 -10.19 -14.61
CA THR A 125 -5.70 -9.94 -14.00
C THR A 125 -5.59 -10.59 -12.61
N ALA A 126 -6.64 -10.46 -11.79
CA ALA A 126 -6.66 -11.12 -10.47
C ALA A 126 -6.59 -12.64 -10.57
N ALA A 127 -7.39 -13.20 -11.46
CA ALA A 127 -7.37 -14.65 -11.67
C ALA A 127 -5.96 -15.13 -12.05
N SER A 128 -5.29 -14.47 -12.98
CA SER A 128 -3.99 -15.00 -13.39
C SER A 128 -2.79 -14.68 -12.48
N LEU A 129 -2.84 -13.60 -11.71
CA LEU A 129 -1.70 -13.20 -10.87
C LEU A 129 -1.79 -13.60 -9.40
N LEU A 130 -3.01 -13.69 -8.86
CA LEU A 130 -3.16 -14.02 -7.43
C LEU A 130 -3.09 -15.53 -7.18
N GLN A 131 -1.88 -16.05 -7.24
CA GLN A 131 -1.66 -17.47 -7.15
C GLN A 131 -0.53 -17.69 -6.17
N ALA A 132 -0.66 -18.72 -5.35
CA ALA A 132 0.38 -19.08 -4.37
C ALA A 132 1.74 -19.18 -5.05
N GLY A 133 2.77 -18.64 -4.41
CA GLY A 133 4.14 -18.63 -4.96
C GLY A 133 4.51 -17.43 -5.83
N TYR A 134 3.51 -16.80 -6.46
CA TYR A 134 3.76 -15.60 -7.26
C TYR A 134 4.07 -14.47 -6.32
N LYS A 135 5.05 -13.64 -6.71
CA LYS A 135 5.54 -12.60 -5.83
C LYS A 135 4.91 -11.26 -6.13
N GLY A 136 4.63 -10.51 -5.06
CA GLY A 136 4.22 -9.13 -5.21
C GLY A 136 5.19 -8.27 -4.43
N ARG A 137 4.91 -6.97 -4.37
CA ARG A 137 5.88 -6.04 -3.81
C ARG A 137 5.18 -5.11 -2.84
N VAL A 138 5.78 -4.92 -1.66
CA VAL A 138 5.23 -4.04 -0.62
C VAL A 138 6.20 -2.91 -0.38
N THR A 139 5.69 -1.71 -0.17
CA THR A 139 6.55 -0.57 0.02
C THR A 139 6.03 0.25 1.18
N GLY A 140 6.93 0.92 1.91
CA GLY A 140 6.45 1.80 2.99
C GLY A 140 7.60 2.38 3.80
N TRP A 141 7.26 3.32 4.64
CA TRP A 141 8.23 3.99 5.52
C TRP A 141 8.11 3.50 6.95
N GLY A 142 7.46 2.34 7.14
CA GLY A 142 7.25 1.76 8.46
C GLY A 142 8.50 1.23 9.12
N ASN A 143 8.34 0.76 10.36
CA ASN A 143 9.47 0.32 11.14
C ASN A 143 10.25 -0.79 10.47
N LEU A 144 11.55 -0.79 10.73
CA LEU A 144 12.47 -1.78 10.20
C LEU A 144 12.50 -3.10 11.00
N LYS A 145 11.94 -3.07 12.21
CA LYS A 145 11.99 -4.22 13.13
C LYS A 145 10.78 -4.12 14.04
N GLU A 146 10.32 -5.27 14.51
CA GLU A 146 9.18 -5.30 15.43
C GLU A 146 9.45 -4.52 16.73
N THR A 147 10.63 -4.73 17.31
CA THR A 147 11.00 -4.00 18.51
C THR A 147 12.36 -3.40 18.30
N TRP A 148 12.55 -2.21 18.52
N GLY A 155 15.92 1.45 13.56
CA GLY A 155 14.49 1.56 13.96
C GLY A 155 13.56 2.00 12.84
N GLN A 156 13.76 3.23 12.36
CA GLN A 156 12.97 3.78 11.26
C GLN A 156 13.85 4.06 10.04
N PRO A 157 13.31 3.94 8.81
CA PRO A 157 14.19 4.08 7.64
C PRO A 157 14.37 5.54 7.23
N SER A 158 15.46 5.84 6.56
N SER A 158 15.48 5.84 6.56
CA SER A 158 15.68 7.18 6.04
CA SER A 158 15.67 7.20 6.04
C SER A 158 14.91 7.40 4.74
C SER A 158 14.86 7.39 4.75
N VAL A 159 14.78 6.35 3.92
CA VAL A 159 13.99 6.47 2.66
C VAL A 159 12.99 5.31 2.48
N LEU A 160 12.10 5.42 1.49
CA LEU A 160 11.10 4.41 1.22
C LEU A 160 11.78 3.03 1.09
N GLN A 161 11.19 2.01 1.73
CA GLN A 161 11.71 0.65 1.68
C GLN A 161 10.85 -0.23 0.78
N VAL A 162 11.45 -1.30 0.28
CA VAL A 162 10.74 -2.16 -0.66
C VAL A 162 11.06 -3.60 -0.31
N VAL A 163 10.07 -4.47 -0.38
CA VAL A 163 10.32 -5.90 -0.23
C VAL A 163 9.42 -6.67 -1.17
N ASN A 164 9.96 -7.74 -1.77
CA ASN A 164 9.15 -8.62 -2.63
C ASN A 164 8.80 -9.88 -1.85
N LEU A 165 7.53 -10.30 -1.90
CA LEU A 165 7.05 -11.41 -1.04
C LEU A 165 6.10 -12.29 -1.81
N PRO A 166 6.19 -13.63 -1.61
CA PRO A 166 5.29 -14.54 -2.34
C PRO A 166 3.93 -14.64 -1.65
N ILE A 167 2.88 -14.77 -2.45
CA ILE A 167 1.53 -15.06 -1.98
C ILE A 167 1.53 -16.47 -1.40
N VAL A 168 0.82 -16.65 -0.29
CA VAL A 168 0.85 -17.94 0.42
C VAL A 168 -0.50 -18.65 0.23
N GLU A 169 -0.49 -19.99 0.14
CA GLU A 169 -1.69 -20.78 -0.03
C GLU A 169 -2.66 -20.51 1.11
N ARG A 170 -3.96 -20.41 0.81
CA ARG A 170 -4.96 -20.07 1.84
C ARG A 170 -4.97 -20.96 3.11
N PRO A 171 -4.82 -22.31 2.98
CA PRO A 171 -4.80 -23.15 4.19
C PRO A 171 -3.65 -22.84 5.13
N VAL A 172 -2.47 -22.52 4.58
CA VAL A 172 -1.31 -22.17 5.36
C VAL A 172 -1.58 -20.82 6.06
N CYS A 173 -2.16 -19.85 5.35
CA CYS A 173 -2.60 -18.60 6.01
C CYS A 173 -3.54 -18.88 7.22
N LYS A 174 -4.53 -19.73 7.00
CA LYS A 174 -5.57 -20.02 7.99
C LYS A 174 -4.97 -20.69 9.25
N ASP A 175 -4.03 -21.60 9.03
CA ASP A 175 -3.39 -22.37 10.10
C ASP A 175 -2.31 -21.64 10.87
N SER A 176 -1.95 -20.43 10.42
CA SER A 176 -0.95 -19.62 11.12
C SER A 176 -1.54 -18.73 12.19
N THR A 177 -2.87 -18.66 12.30
CA THR A 177 -3.48 -17.65 13.15
C THR A 177 -4.81 -18.13 13.80
N ARG A 178 -5.20 -17.50 14.90
CA ARG A 178 -6.52 -17.77 15.48
C ARG A 178 -7.58 -16.85 14.95
N ILE A 179 -7.19 -15.77 14.27
CA ILE A 179 -8.14 -14.84 13.63
C ILE A 179 -8.92 -15.55 12.50
N ARG A 180 -10.22 -15.28 12.41
CA ARG A 180 -11.04 -15.83 11.32
C ARG A 180 -10.75 -15.12 9.97
N ILE A 181 -10.17 -15.85 9.02
CA ILE A 181 -9.78 -15.31 7.70
C ILE A 181 -11.01 -15.31 6.80
N THR A 182 -11.14 -14.31 5.92
CA THR A 182 -12.27 -14.29 4.97
C THR A 182 -11.74 -14.25 3.53
N ASP A 183 -12.66 -14.36 2.57
CA ASP A 183 -12.35 -14.26 1.13
C ASP A 183 -11.87 -12.86 0.73
N ASN A 184 -12.07 -11.86 1.60
CA ASN A 184 -11.58 -10.49 1.34
C ASN A 184 -10.14 -10.24 1.78
N MET A 185 -9.43 -11.28 2.17
CA MET A 185 -8.04 -11.21 2.61
C MET A 185 -7.21 -12.20 1.85
N PHE A 186 -5.91 -11.94 1.72
CA PHE A 186 -4.96 -12.98 1.36
C PHE A 186 -3.73 -12.75 2.25
N CYS A 187 -2.87 -13.78 2.37
CA CYS A 187 -1.65 -13.58 3.14
C CYS A 187 -0.41 -13.76 2.24
N ALA A 188 0.71 -13.20 2.68
CA ALA A 188 1.95 -13.26 1.91
C ALA A 188 3.16 -13.27 2.85
N GLY A 189 4.24 -13.90 2.38
CA GLY A 189 5.50 -13.92 3.10
C GLY A 189 6.16 -15.26 2.91
N TYR A 190 7.42 -15.35 3.30
CA TYR A 190 8.15 -16.58 3.23
C TYR A 190 7.79 -17.45 4.43
N LYS A 191 7.81 -18.76 4.19
CA LYS A 191 7.66 -19.82 5.18
C LYS A 191 8.98 -19.95 5.95
N PRO A 192 8.92 -20.53 7.16
CA PRO A 192 10.15 -20.59 7.97
C PRO A 192 11.27 -21.39 7.30
N ASP A 193 10.93 -22.35 6.43
CA ASP A 193 11.95 -23.21 5.81
C ASP A 193 12.64 -22.58 4.58
N GLU A 194 12.10 -21.46 4.10
CA GLU A 194 12.50 -20.88 2.82
C GLU A 194 13.77 -20.04 2.86
N GLY A 195 14.27 -19.72 4.04
CA GLY A 195 15.54 -18.99 4.14
C GLY A 195 15.60 -17.55 3.61
N LYS A 196 14.48 -17.00 3.15
CA LYS A 196 14.35 -15.57 2.89
C LYS A 196 13.33 -14.99 3.91
N ARG A 197 13.45 -13.69 4.22
CA ARG A 197 12.59 -13.06 5.22
C ARG A 197 11.88 -11.84 4.64
N GLY A 198 11.10 -11.16 5.48
CA GLY A 198 10.56 -9.88 5.06
C GLY A 198 9.09 -9.74 5.37
N ASP A 199 8.66 -8.53 5.69
CA ASP A 199 7.26 -8.32 6.09
C ASP A 199 7.03 -6.82 6.12
N ALA A 200 5.78 -6.41 6.11
CA ALA A 200 5.44 -5.06 6.48
C ALA A 200 5.49 -4.96 8.01
N CYS A 201 5.53 -3.75 8.54
CA CYS A 201 5.54 -3.56 9.99
C CYS A 201 4.75 -2.28 10.33
N GLU A 202 4.74 -1.86 11.60
CA GLU A 202 4.01 -0.69 12.02
C GLU A 202 4.35 0.52 11.15
N GLY A 203 3.34 1.22 10.66
CA GLY A 203 3.57 2.41 9.83
C GLY A 203 3.46 2.09 8.34
N ASP A 204 3.57 0.81 7.96
CA ASP A 204 3.34 0.36 6.56
C ASP A 204 1.87 0.11 6.21
N SER A 205 1.01 -0.05 7.23
CA SER A 205 -0.44 -0.31 7.01
C SER A 205 -1.05 0.66 6.04
N GLY A 206 -1.98 0.17 5.22
CA GLY A 206 -2.69 0.95 4.24
C GLY A 206 -1.94 1.08 2.93
N GLY A 207 -0.65 0.70 2.92
CA GLY A 207 0.18 0.75 1.71
C GLY A 207 -0.15 -0.37 0.71
N PRO A 208 0.40 -0.30 -0.51
CA PRO A 208 0.03 -1.19 -1.61
C PRO A 208 0.86 -2.45 -1.69
N PHE A 209 0.19 -3.53 -2.05
CA PHE A 209 0.87 -4.78 -2.43
C PHE A 209 0.66 -4.80 -3.93
N VAL A 210 1.74 -4.68 -4.71
CA VAL A 210 1.54 -4.58 -6.19
C VAL A 210 2.20 -5.75 -6.92
N MET A 211 1.71 -6.00 -8.13
CA MET A 211 2.30 -7.01 -8.99
C MET A 211 2.43 -6.43 -10.39
N LYS A 212 3.43 -6.88 -11.16
CA LYS A 212 3.55 -6.35 -12.53
C LYS A 212 3.05 -7.40 -13.51
N SER A 213 2.04 -7.07 -14.32
CA SER A 213 1.51 -8.04 -15.24
C SER A 213 2.54 -8.38 -16.33
N PRO A 214 2.79 -9.69 -16.55
CA PRO A 214 3.67 -10.04 -17.68
C PRO A 214 2.98 -9.95 -19.06
N PHE A 215 1.67 -9.71 -19.08
CA PHE A 215 0.90 -9.57 -20.32
C PHE A 215 0.97 -8.20 -20.92
N ASN A 216 0.81 -7.16 -20.09
CA ASN A 216 0.80 -5.79 -20.63
C ASN A 216 1.82 -4.88 -19.97
N ASN A 217 2.67 -5.45 -19.10
N ASN A 217 2.63 -5.46 -19.08
CA ASN A 217 3.76 -4.73 -18.44
CA ASN A 217 3.75 -4.76 -18.46
C ASN A 217 3.36 -3.60 -17.48
C ASN A 217 3.35 -3.60 -17.51
N ARG A 218 2.09 -3.57 -17.07
CA ARG A 218 1.60 -2.58 -16.12
C ARG A 218 1.64 -3.12 -14.68
N TRP A 219 1.79 -2.22 -13.74
CA TRP A 219 1.68 -2.56 -12.32
C TRP A 219 0.22 -2.46 -11.83
N TYR A 220 -0.21 -3.47 -11.08
CA TYR A 220 -1.58 -3.54 -10.54
C TYR A 220 -1.54 -3.63 -9.03
N GLN A 221 -2.40 -2.87 -8.33
CA GLN A 221 -2.43 -3.02 -6.91
C GLN A 221 -3.39 -4.16 -6.55
N MET A 222 -2.84 -5.30 -6.07
CA MET A 222 -3.64 -6.48 -5.73
C MET A 222 -4.07 -6.44 -4.27
N GLY A 223 -3.27 -5.78 -3.41
CA GLY A 223 -3.53 -5.84 -1.94
C GLY A 223 -3.33 -4.50 -1.24
N ILE A 224 -3.84 -4.44 -0.02
CA ILE A 224 -3.58 -3.35 0.89
C ILE A 224 -3.02 -3.93 2.17
N VAL A 225 -1.90 -3.42 2.63
CA VAL A 225 -1.32 -3.90 3.89
C VAL A 225 -2.38 -3.74 5.02
N SER A 226 -2.83 -4.85 5.58
CA SER A 226 -3.95 -4.81 6.55
C SER A 226 -3.48 -5.17 7.96
N TRP A 227 -3.08 -6.41 8.20
CA TRP A 227 -2.67 -6.80 9.55
C TRP A 227 -1.69 -7.96 9.59
N GLY A 228 -1.20 -8.23 10.79
CA GLY A 228 -0.30 -9.38 11.01
C GLY A 228 0.08 -9.44 12.48
N GLU A 229 0.62 -10.55 12.93
CA GLU A 229 0.93 -10.69 14.33
C GLU A 229 2.41 -10.41 14.49
N GLY A 230 2.72 -9.22 14.98
CA GLY A 230 4.11 -8.77 15.04
C GLY A 230 4.59 -8.42 13.64
N CYS A 231 5.91 -8.46 13.43
CA CYS A 231 6.49 -8.25 12.11
C CYS A 231 7.60 -9.22 11.85
N ASP A 232 7.50 -9.91 10.72
CA ASP A 232 8.52 -10.84 10.28
C ASP A 232 8.79 -11.98 11.28
N ARG A 233 7.73 -12.42 11.97
CA ARG A 233 7.86 -13.58 12.87
C ARG A 233 7.83 -14.85 12.06
N ASP A 234 8.67 -15.81 12.42
CA ASP A 234 8.63 -17.13 11.81
C ASP A 234 7.25 -17.74 11.99
N GLY A 235 6.71 -18.35 10.92
CA GLY A 235 5.40 -19.00 10.96
C GLY A 235 4.20 -18.08 10.98
N LYS A 236 4.43 -16.77 10.87
CA LYS A 236 3.35 -15.81 10.75
C LYS A 236 3.49 -15.12 9.36
N TYR A 237 2.40 -14.55 8.88
CA TYR A 237 2.32 -13.96 7.54
C TYR A 237 1.61 -12.63 7.62
N GLY A 238 1.89 -11.77 6.66
CA GLY A 238 1.21 -10.50 6.57
C GLY A 238 -0.12 -10.75 5.88
N PHE A 239 -1.18 -10.10 6.36
CA PHE A 239 -2.49 -10.16 5.71
C PHE A 239 -2.81 -8.91 4.97
N TYR A 240 -3.48 -9.07 3.81
CA TYR A 240 -3.69 -7.99 2.89
C TYR A 240 -5.15 -7.97 2.46
N THR A 241 -5.74 -6.79 2.37
CA THR A 241 -7.10 -6.66 1.82
C THR A 241 -7.08 -6.99 0.33
N HIS A 242 -8.04 -7.82 -0.11
CA HIS A 242 -8.12 -8.33 -1.48
C HIS A 242 -8.82 -7.28 -2.33
N VAL A 243 -8.06 -6.50 -3.08
CA VAL A 243 -8.60 -5.28 -3.71
C VAL A 243 -9.64 -5.64 -4.77
N PHE A 244 -9.38 -6.69 -5.53
CA PHE A 244 -10.33 -7.03 -6.57
C PHE A 244 -11.69 -7.43 -6.02
N ARG A 245 -11.72 -8.20 -4.94
CA ARG A 245 -13.02 -8.62 -4.33
C ARG A 245 -13.85 -7.43 -3.88
N LEU A 246 -13.20 -6.29 -3.65
CA LEU A 246 -13.88 -5.09 -3.20
C LEU A 246 -13.98 -4.01 -4.27
N LYS A 247 -13.67 -4.38 -5.51
CA LYS A 247 -13.62 -3.41 -6.59
C LYS A 247 -15.00 -2.81 -6.93
N LYS A 248 -16.05 -3.61 -6.82
CA LYS A 248 -17.38 -3.05 -7.09
C LYS A 248 -17.74 -1.90 -6.14
N TRP A 249 -17.32 -2.01 -4.88
CA TRP A 249 -17.55 -0.93 -3.94
C TRP A 249 -16.73 0.27 -4.37
N ILE A 250 -15.45 0.02 -4.71
CA ILE A 250 -14.57 1.10 -5.19
C ILE A 250 -15.24 1.86 -6.34
N GLN A 251 -15.68 1.14 -7.37
N GLN A 251 -15.68 1.14 -7.37
CA GLN A 251 -16.29 1.74 -8.55
CA GLN A 251 -16.30 1.73 -8.55
C GLN A 251 -17.59 2.48 -8.23
C GLN A 251 -17.57 2.50 -8.20
N LYS A 252 -18.37 1.91 -7.32
CA LYS A 252 -19.62 2.52 -6.85
C LYS A 252 -19.37 3.91 -6.24
N VAL A 253 -18.38 3.99 -5.34
CA VAL A 253 -18.01 5.26 -4.71
C VAL A 253 -17.48 6.28 -5.71
N ILE A 254 -16.61 5.86 -6.62
CA ILE A 254 -16.02 6.78 -7.60
C ILE A 254 -17.09 7.27 -8.59
N ASP A 255 -17.94 6.37 -9.08
CA ASP A 255 -19.03 6.76 -10.02
C ASP A 255 -20.06 7.72 -9.38
N GLN A 256 -20.41 7.47 -8.12
CA GLN A 256 -21.42 8.25 -7.39
C GLN A 256 -20.93 9.58 -6.84
N PHE A 257 -19.62 9.72 -6.62
CA PHE A 257 -19.07 10.90 -5.94
C PHE A 257 -17.92 11.57 -6.68
N ASP B 1 10.78 13.34 14.08
CA ASP B 1 12.00 13.84 13.35
C ASP B 1 11.63 14.41 11.97
N PHE B 2 10.35 14.76 11.81
CA PHE B 2 9.85 15.29 10.56
C PHE B 2 10.20 16.76 10.35
N GLU B 3 10.76 17.05 9.19
CA GLU B 3 10.97 18.43 8.83
C GLU B 3 9.60 19.13 8.68
N GLU B 4 9.56 20.40 9.07
CA GLU B 4 8.34 21.19 8.98
C GLU B 4 7.91 21.29 7.52
N ILE B 5 6.62 21.19 7.29
CA ILE B 5 6.07 21.42 5.97
C ILE B 5 5.57 22.86 5.91
N PRO B 6 5.52 23.47 4.70
CA PRO B 6 4.93 24.80 4.51
C PRO B 6 3.66 25.06 5.32
N GLU B 7 3.55 26.28 5.83
CA GLU B 7 2.49 26.67 6.78
C GLU B 7 1.06 26.45 6.26
N GLU B 8 0.79 26.81 5.00
CA GLU B 8 -0.56 26.79 4.43
C GLU B 8 -1.30 25.44 4.61
N TYR B 9 -0.55 24.36 4.60
CA TYR B 9 -1.11 23.01 4.75
C TYR B 9 -1.56 22.66 6.17
N LEU B 10 -1.06 23.38 7.17
CA LEU B 10 -1.42 23.15 8.56
C LEU B 10 -2.44 24.18 9.05
N GLN B 11 -2.15 24.94 9.98
N ALA C 1 -5.39 4.25 -17.34
CA ALA C 1 -5.33 4.55 -18.81
C ALA C 1 -3.88 4.52 -19.26
N ASP C 2 -3.15 5.46 -18.69
CA ASP C 2 -1.72 5.43 -18.56
C ASP C 2 -1.28 4.73 -17.24
N CYS C 3 -2.25 4.18 -16.51
CA CYS C 3 -1.98 3.63 -15.18
C CYS C 3 -0.87 2.56 -15.19
N GLY C 4 -0.07 2.56 -14.13
CA GLY C 4 0.82 1.46 -13.84
C GLY C 4 2.04 1.38 -14.75
N LEU C 5 2.25 2.41 -15.57
CA LEU C 5 3.45 2.54 -16.39
C LEU C 5 4.28 3.67 -15.82
N ARG C 6 5.41 3.33 -15.19
CA ARG C 6 6.23 4.33 -14.49
C ARG C 6 7.06 5.19 -15.45
N PRO C 7 7.03 6.50 -15.27
CA PRO C 7 7.78 7.41 -16.16
C PRO C 7 9.26 7.10 -16.17
N LEU C 8 9.84 6.71 -15.03
CA LEU C 8 11.29 6.47 -15.01
C LEU C 8 11.71 5.05 -15.31
N PHE C 9 10.74 4.19 -15.52
CA PHE C 9 11.05 2.77 -15.79
C PHE C 9 10.35 2.33 -17.06
N GLU C 10 9.09 1.88 -16.99
CA GLU C 10 8.42 1.33 -18.18
C GLU C 10 8.44 2.31 -19.36
N LYS C 11 8.19 3.60 -19.09
CA LYS C 11 8.06 4.56 -20.20
C LYS C 11 9.39 4.79 -20.92
N LYS C 12 10.51 4.50 -20.25
CA LYS C 12 11.85 4.59 -20.85
C LYS C 12 12.45 3.24 -21.18
N SER C 13 11.68 2.18 -20.99
CA SER C 13 12.18 0.80 -21.12
C SER C 13 13.41 0.51 -20.23
N LEU C 14 13.34 0.96 -18.97
CA LEU C 14 14.37 0.66 -17.99
C LEU C 14 13.73 -0.20 -16.89
N GLU C 15 14.48 -1.14 -16.33
CA GLU C 15 13.92 -2.06 -15.33
C GLU C 15 14.46 -1.64 -14.02
N ASP C 16 13.67 -1.79 -12.95
CA ASP C 16 14.21 -1.62 -11.60
C ASP C 16 15.04 -2.83 -11.17
N LYS C 17 15.75 -2.69 -10.05
CA LYS C 17 16.74 -3.68 -9.61
C LYS C 17 16.18 -5.03 -9.20
N THR C 18 14.90 -5.11 -8.84
CA THR C 18 14.40 -6.40 -8.41
C THR C 18 13.11 -6.81 -9.10
N GLU C 19 12.65 -6.09 -10.13
CA GLU C 19 11.37 -6.53 -10.76
C GLU C 19 11.46 -7.89 -11.46
N ARG C 20 12.68 -8.28 -11.88
CA ARG C 20 12.87 -9.57 -12.50
C ARG C 20 12.49 -10.72 -11.57
N GLU C 21 12.72 -10.53 -10.27
CA GLU C 21 12.37 -11.52 -9.25
C GLU C 21 10.85 -11.79 -9.28
N LEU C 22 10.04 -10.75 -9.45
CA LEU C 22 8.60 -10.94 -9.59
C LEU C 22 8.30 -11.73 -10.86
N LEU C 23 8.80 -11.24 -12.00
CA LEU C 23 8.55 -11.89 -13.30
C LEU C 23 8.94 -13.36 -13.29
N GLU C 24 10.09 -13.66 -12.68
CA GLU C 24 10.57 -15.05 -12.62
C GLU C 24 9.67 -15.92 -11.76
N SER C 25 8.89 -15.30 -10.88
CA SER C 25 7.99 -16.07 -10.02
C SER C 25 6.66 -16.39 -10.74
N TYR C 26 6.38 -15.72 -11.86
CA TYR C 26 5.09 -15.89 -12.55
C TYR C 26 5.14 -17.05 -13.54
N ILE C 27 5.14 -18.28 -13.03
CA ILE C 27 5.43 -19.48 -13.83
C ILE C 27 4.22 -19.98 -14.62
N ASP C 28 3.13 -20.20 -14.08
#